data_4LCF
#
_entry.id   4LCF
#
_cell.length_a   53.193
_cell.length_b   73.819
_cell.length_c   88.177
_cell.angle_alpha   90.000
_cell.angle_beta   90.000
_cell.angle_gamma   90.000
#
_symmetry.space_group_name_H-M   'P 21 21 21'
#
loop_
_entity.id
_entity.type
_entity.pdbx_description
1 polymer 'UDP-3-O-[3-hydroxymyristoyl] N-acetylglucosamine deacetylase'
2 non-polymer 'ZINC ION'
3 non-polymer Nalpha-{4-[4-(4-aminophenyl)buta-1,3-diyn-1-yl]benzoyl}-N-hydroxy-L-histidinamide
4 non-polymer 'NITRATE ION'
5 water water
#
_entity_poly.entity_id   1
_entity_poly.type   'polypeptide(L)'
_entity_poly.pdbx_seq_one_letter_code
;MIKQRTLKNIIRATGVGLHSGEKVYLTLKPAPVDTGIVFSRTDLDPVVEIPARAENVGETTMSTTLVKGDVKVDTVEHLL
SAMAGLGIDNAYVELSASEVPIMDGSAGPFVFLIQSAGLQEQEAAKKFIRIKREVSVEEGDKRAVFVPFDGFKVSFEIDF
DHPVFRGRTQQASVDFSSTSFVKEVSRARTFGFMRDIEYLRSQNLALGGSVENAIVVDENRVLNEDGLRYEDEFVKHKIL
DAIGDLYLLGNSLIGEFRGFKSGHALNNQLLRTLIADKDAWEVVTFEDARTAPISYMRP
;
_entity_poly.pdbx_strand_id   A
#
loop_
_chem_comp.id
_chem_comp.type
_chem_comp.name
_chem_comp.formula
1WL non-polymer Nalpha-{4-[4-(4-aminophenyl)buta-1,3-diyn-1-yl]benzoyl}-N-hydroxy-L-histidinamide 'C23 H19 N5 O3'
NO3 non-polymer 'NITRATE ION' 'N O3 -1'
ZN non-polymer 'ZINC ION' 'Zn 2'
#
# COMPACT_ATOMS: atom_id res chain seq x y z
N MET A 1 7.55 -18.50 18.75
CA MET A 1 6.39 -17.85 18.15
C MET A 1 6.82 -16.81 17.14
N ILE A 2 5.92 -16.49 16.21
CA ILE A 2 6.13 -15.34 15.34
C ILE A 2 5.77 -14.10 16.14
N LYS A 3 6.73 -13.21 16.32
CA LYS A 3 6.55 -12.05 17.17
C LYS A 3 6.13 -10.82 16.38
N GLN A 4 5.47 -9.88 17.06
CA GLN A 4 5.19 -8.58 16.47
C GLN A 4 6.50 -7.86 16.24
N ARG A 5 6.50 -6.94 15.28
CA ARG A 5 7.71 -6.16 15.10
C ARG A 5 7.46 -4.67 14.89
N THR A 6 8.48 -3.91 15.24
CA THR A 6 8.45 -2.46 15.09
C THR A 6 9.82 -2.04 14.56
N LEU A 7 10.10 -0.75 14.58
CA LEU A 7 11.40 -0.25 14.14
C LEU A 7 12.36 -0.17 15.33
N LYS A 8 13.66 -0.29 15.06
CA LYS A 8 14.67 -0.20 16.09
C LYS A 8 15.02 1.25 16.41
N ASN A 9 14.88 2.11 15.41
CA ASN A 9 15.26 3.50 15.54
C ASN A 9 14.27 4.42 14.84
N ILE A 10 14.34 5.69 15.18
CA ILE A 10 13.60 6.72 14.45
C ILE A 10 14.37 7.05 13.19
N ILE A 11 13.66 7.30 12.10
CA ILE A 11 14.30 7.65 10.84
C ILE A 11 13.44 8.66 10.09
N ARG A 12 14.08 9.48 9.27
CA ARG A 12 13.42 10.60 8.60
C ARG A 12 13.75 10.72 7.12
N ALA A 13 12.83 11.32 6.38
CA ALA A 13 13.07 11.68 4.99
C ALA A 13 12.18 12.86 4.64
N THR A 14 12.50 13.52 3.53
CA THR A 14 11.68 14.61 3.04
C THR A 14 11.31 14.36 1.58
N GLY A 15 10.22 14.99 1.15
CA GLY A 15 9.77 14.87 -0.22
C GLY A 15 8.65 15.84 -0.50
N VAL A 16 7.95 15.65 -1.61
CA VAL A 16 6.82 16.50 -1.96
C VAL A 16 5.55 15.66 -2.13
N GLY A 17 4.40 16.27 -1.85
CA GLY A 17 3.14 15.59 -2.03
C GLY A 17 2.82 15.53 -3.50
N LEU A 18 2.39 14.37 -3.97
CA LEU A 18 2.03 14.18 -5.38
C LEU A 18 0.86 15.09 -5.76
N HIS A 19 -0.18 15.07 -4.94
CA HIS A 19 -1.38 15.85 -5.23
C HIS A 19 -1.17 17.33 -4.98
N SER A 20 -0.48 17.64 -3.88
CA SER A 20 -0.35 19.02 -3.43
C SER A 20 0.88 19.76 -3.96
N GLY A 21 1.96 19.02 -4.23
CA GLY A 21 3.22 19.65 -4.60
C GLY A 21 3.91 20.25 -3.39
N GLU A 22 3.31 20.04 -2.22
CA GLU A 22 3.78 20.62 -0.97
C GLU A 22 4.95 19.83 -0.39
N LYS A 23 6.04 20.53 -0.07
CA LYS A 23 7.18 19.92 0.61
C LYS A 23 6.75 19.38 1.97
N VAL A 24 7.13 18.14 2.28
CA VAL A 24 6.68 17.51 3.52
C VAL A 24 7.79 16.74 4.22
N TYR A 25 7.79 16.82 5.55
CA TYR A 25 8.72 16.08 6.39
C TYR A 25 8.07 14.80 6.90
N LEU A 26 8.77 13.68 6.72
CA LEU A 26 8.29 12.38 7.14
C LEU A 26 9.17 11.80 8.24
N THR A 27 8.54 11.23 9.27
CA THR A 27 9.28 10.58 10.34
C THR A 27 8.66 9.22 10.64
N LEU A 28 9.48 8.17 10.69
CA LEU A 28 9.00 6.86 11.13
C LEU A 28 9.57 6.56 12.52
N LYS A 29 8.71 6.11 13.43
CA LYS A 29 9.14 5.87 14.81
C LYS A 29 8.68 4.51 15.31
N PRO A 30 9.46 3.91 16.24
CA PRO A 30 8.99 2.68 16.90
C PRO A 30 7.69 2.94 17.66
N ALA A 31 6.93 1.88 17.90
CA ALA A 31 5.70 1.98 18.69
C ALA A 31 5.50 0.70 19.48
N PRO A 32 4.78 0.78 20.61
CA PRO A 32 4.57 -0.39 21.47
C PRO A 32 3.71 -1.47 20.81
N VAL A 33 3.75 -2.66 21.40
CA VAL A 33 2.90 -3.77 20.98
C VAL A 33 1.44 -3.35 20.86
N ASP A 34 0.76 -3.88 19.84
CA ASP A 34 -0.66 -3.66 19.61
C ASP A 34 -1.05 -2.21 19.29
N THR A 35 -0.09 -1.41 18.87
CA THR A 35 -0.35 -0.04 18.46
C THR A 35 -0.91 0.00 17.04
N GLY A 36 -0.38 -0.86 16.19
CA GLY A 36 -0.66 -0.77 14.76
C GLY A 36 0.14 0.39 14.20
N ILE A 37 -0.21 0.81 12.99
CA ILE A 37 0.40 1.99 12.39
C ILE A 37 -0.49 3.19 12.69
N VAL A 38 0.10 4.25 13.23
CA VAL A 38 -0.65 5.46 13.54
C VAL A 38 0.03 6.66 12.88
N PHE A 39 -0.75 7.41 12.11
CA PHE A 39 -0.27 8.63 11.48
C PHE A 39 -0.55 9.82 12.39
N SER A 40 0.40 10.76 12.46
CA SER A 40 0.19 11.96 13.25
C SER A 40 0.56 13.20 12.45
N ARG A 41 -0.36 14.16 12.40
CA ARG A 41 -0.10 15.45 11.78
C ARG A 41 0.53 16.36 12.82
N THR A 42 1.85 16.44 12.81
CA THR A 42 2.58 17.19 13.83
C THR A 42 2.61 18.69 13.56
N ASP A 43 2.11 19.10 12.40
CA ASP A 43 2.06 20.52 12.06
C ASP A 43 0.86 21.20 12.72
N LEU A 44 -0.15 20.41 13.05
CA LEU A 44 -1.39 20.95 13.63
C LEU A 44 -1.27 21.17 15.14
N ASP A 45 -2.11 22.07 15.65
CA ASP A 45 -2.15 22.39 17.07
C ASP A 45 -3.60 22.40 17.55
N PRO A 46 -3.98 21.37 18.33
CA PRO A 46 -3.16 20.23 18.77
C PRO A 46 -2.84 19.23 17.67
N VAL A 47 -1.86 18.37 17.92
CA VAL A 47 -1.48 17.33 16.98
C VAL A 47 -2.62 16.34 16.82
N VAL A 48 -2.90 15.95 15.58
CA VAL A 48 -3.99 15.02 15.31
C VAL A 48 -3.45 13.65 14.89
N GLU A 49 -3.91 12.61 15.60
CA GLU A 49 -3.52 11.25 15.29
C GLU A 49 -4.65 10.53 14.55
N ILE A 50 -4.27 9.76 13.55
CA ILE A 50 -5.23 8.94 12.81
C ILE A 50 -4.68 7.52 12.64
N PRO A 51 -5.28 6.55 13.33
CA PRO A 51 -4.85 5.16 13.16
C PRO A 51 -5.08 4.68 11.72
N ALA A 52 -4.13 3.92 11.20
CA ALA A 52 -4.25 3.40 9.84
C ALA A 52 -5.16 2.17 9.85
N ARG A 53 -6.46 2.43 9.89
CA ARG A 53 -7.46 1.37 9.88
C ARG A 53 -8.50 1.63 8.80
N ALA A 54 -9.13 0.57 8.31
CA ALA A 54 -10.06 0.66 7.20
C ALA A 54 -11.20 1.64 7.46
N GLU A 55 -11.65 1.68 8.73
CA GLU A 55 -12.79 2.52 9.10
C GLU A 55 -12.48 4.01 9.06
N ASN A 56 -11.20 4.37 8.94
CA ASN A 56 -10.82 5.77 8.89
C ASN A 56 -10.52 6.28 7.49
N VAL A 57 -10.81 5.46 6.49
CA VAL A 57 -10.58 5.85 5.11
C VAL A 57 -11.71 6.72 4.60
N GLY A 58 -11.35 7.88 4.06
CA GLY A 58 -12.32 8.79 3.48
C GLY A 58 -12.39 8.61 1.98
N GLU A 59 -11.96 9.64 1.26
CA GLU A 59 -11.97 9.60 -0.20
C GLU A 59 -10.92 8.63 -0.73
N THR A 60 -11.21 8.02 -1.88
CA THR A 60 -10.35 6.98 -2.44
C THR A 60 -10.19 7.14 -3.96
N THR A 61 -10.56 8.29 -4.48
CA THR A 61 -10.55 8.51 -5.92
C THR A 61 -9.14 8.40 -6.54
N MET A 62 -8.20 9.19 -6.04
CA MET A 62 -6.84 9.17 -6.58
C MET A 62 -5.95 8.26 -5.74
N SER A 63 -5.99 8.48 -4.43
CA SER A 63 -5.21 7.70 -3.49
C SER A 63 -6.10 7.30 -2.32
N THR A 64 -5.52 6.53 -1.40
CA THR A 64 -6.21 6.22 -0.15
C THR A 64 -5.93 7.32 0.85
N THR A 65 -6.99 7.91 1.39
CA THR A 65 -6.87 9.01 2.33
C THR A 65 -7.46 8.62 3.68
N LEU A 66 -6.70 8.87 4.76
CA LEU A 66 -7.23 8.71 6.09
C LEU A 66 -7.81 10.03 6.54
N VAL A 67 -8.93 9.97 7.27
CA VAL A 67 -9.59 11.19 7.70
C VAL A 67 -10.04 11.12 9.16
N LYS A 68 -9.91 12.25 9.86
CA LYS A 68 -10.51 12.41 11.18
C LYS A 68 -11.09 13.82 11.23
N GLY A 69 -12.40 13.91 11.10
CA GLY A 69 -13.05 15.21 11.02
C GLY A 69 -12.64 15.92 9.75
N ASP A 70 -12.05 17.10 9.90
CA ASP A 70 -11.64 17.89 8.75
C ASP A 70 -10.16 17.69 8.42
N VAL A 71 -9.51 16.81 9.18
CA VAL A 71 -8.08 16.58 9.03
C VAL A 71 -7.82 15.33 8.21
N LYS A 72 -6.93 15.43 7.23
CA LYS A 72 -6.64 14.29 6.37
C LYS A 72 -5.17 13.95 6.28
N VAL A 73 -4.90 12.69 5.98
CA VAL A 73 -3.57 12.25 5.58
C VAL A 73 -3.75 11.51 4.26
N ASP A 74 -3.25 12.10 3.18
CA ASP A 74 -3.47 11.59 1.85
C ASP A 74 -2.33 10.72 1.37
N THR A 75 -2.65 9.81 0.45
CA THR A 75 -1.65 8.98 -0.24
C THR A 75 -0.85 8.11 0.73
N VAL A 76 -1.56 7.30 1.51
CA VAL A 76 -0.90 6.44 2.49
C VAL A 76 -0.48 5.09 1.92
N GLU A 77 -0.96 4.76 0.72
CA GLU A 77 -0.86 3.38 0.20
C GLU A 77 0.55 2.83 -0.05
N HIS A 78 1.46 3.67 -0.54
CA HIS A 78 2.79 3.17 -0.86
C HIS A 78 3.62 2.93 0.40
N LEU A 79 3.52 3.84 1.36
CA LEU A 79 4.18 3.65 2.64
C LEU A 79 3.61 2.42 3.36
N LEU A 80 2.28 2.29 3.38
CA LEU A 80 1.66 1.17 4.05
C LEU A 80 2.01 -0.15 3.36
N SER A 81 2.19 -0.11 2.05
CA SER A 81 2.61 -1.30 1.31
C SER A 81 3.97 -1.80 1.80
N ALA A 82 4.90 -0.87 2.03
CA ALA A 82 6.22 -1.21 2.56
C ALA A 82 6.12 -1.79 3.98
N MET A 83 5.31 -1.14 4.83
CA MET A 83 5.07 -1.65 6.17
C MET A 83 4.54 -3.09 6.13
N ALA A 84 3.59 -3.34 5.24
CA ALA A 84 3.01 -4.66 5.08
C ALA A 84 4.03 -5.68 4.59
N GLY A 85 4.82 -5.29 3.59
CA GLY A 85 5.78 -6.19 2.97
C GLY A 85 6.89 -6.60 3.91
N LEU A 86 7.24 -5.72 4.83
CA LEU A 86 8.30 -5.97 5.79
C LEU A 86 7.73 -6.47 7.13
N GLY A 87 6.41 -6.59 7.17
CA GLY A 87 5.73 -7.16 8.33
C GLY A 87 5.78 -6.29 9.58
N ILE A 88 5.83 -4.98 9.40
CA ILE A 88 5.87 -4.06 10.54
C ILE A 88 4.48 -3.92 11.16
N ASP A 89 4.33 -4.37 12.40
CA ASP A 89 3.04 -4.31 13.09
C ASP A 89 2.79 -2.94 13.70
N ASN A 90 3.81 -2.36 14.32
CA ASN A 90 3.64 -1.17 15.11
C ASN A 90 4.63 -0.07 14.72
N ALA A 91 4.10 1.10 14.39
CA ALA A 91 4.94 2.26 14.12
C ALA A 91 4.13 3.54 14.17
N TYR A 92 4.81 4.62 14.52
CA TYR A 92 4.24 5.95 14.40
C TYR A 92 4.79 6.60 13.14
N VAL A 93 3.91 7.27 12.40
CA VAL A 93 4.32 8.01 11.21
C VAL A 93 3.96 9.47 11.38
N GLU A 94 4.98 10.33 11.49
CA GLU A 94 4.73 11.75 11.66
C GLU A 94 4.87 12.49 10.33
N LEU A 95 3.95 13.43 10.10
CA LEU A 95 3.92 14.23 8.88
C LEU A 95 3.71 15.70 9.17
N SER A 96 4.40 16.56 8.42
CA SER A 96 4.29 18.00 8.59
C SER A 96 3.23 18.60 7.67
N ALA A 97 2.53 17.73 6.94
CA ALA A 97 1.51 18.17 5.98
C ALA A 97 0.53 17.04 5.72
N SER A 98 -0.51 17.35 4.93
CA SER A 98 -1.64 16.46 4.72
C SER A 98 -1.44 15.37 3.65
N GLU A 99 -0.20 15.10 3.28
CA GLU A 99 0.07 14.04 2.33
C GLU A 99 1.44 13.43 2.52
N VAL A 100 1.50 12.10 2.51
CA VAL A 100 2.78 11.39 2.51
C VAL A 100 3.54 11.77 1.23
N PRO A 101 4.85 12.05 1.36
CA PRO A 101 5.63 12.40 0.18
C PRO A 101 5.61 11.28 -0.86
N ILE A 102 5.55 11.64 -2.13
CA ILE A 102 5.46 10.65 -3.20
C ILE A 102 6.80 9.93 -3.41
N MET A 103 7.90 10.58 -3.05
CA MET A 103 9.24 10.02 -3.24
C MET A 103 9.47 9.64 -4.71
N ASP A 104 9.77 8.39 -5.01
CA ASP A 104 10.01 8.01 -6.41
C ASP A 104 8.79 7.36 -7.06
N GLY A 105 7.67 7.39 -6.34
CA GLY A 105 6.42 6.85 -6.85
C GLY A 105 6.17 5.40 -6.49
N SER A 106 7.16 4.76 -5.86
CA SER A 106 7.05 3.36 -5.50
C SER A 106 7.08 3.20 -3.99
N ALA A 107 7.19 1.95 -3.54
CA ALA A 107 7.29 1.68 -2.11
C ALA A 107 8.75 1.54 -1.71
N GLY A 108 9.64 1.57 -2.69
CA GLY A 108 11.06 1.39 -2.47
C GLY A 108 11.71 2.30 -1.43
N PRO A 109 11.50 3.62 -1.54
CA PRO A 109 12.08 4.53 -0.55
C PRO A 109 11.59 4.25 0.87
N PHE A 110 10.39 3.71 1.01
CA PHE A 110 9.88 3.38 2.35
C PHE A 110 10.46 2.07 2.87
N VAL A 111 10.61 1.09 1.99
CA VAL A 111 11.33 -0.15 2.34
C VAL A 111 12.74 0.22 2.79
N PHE A 112 13.39 1.12 2.04
CA PHE A 112 14.71 1.62 2.36
C PHE A 112 14.75 2.22 3.76
N LEU A 113 13.81 3.11 4.05
CA LEU A 113 13.75 3.76 5.37
C LEU A 113 13.52 2.77 6.50
N ILE A 114 12.60 1.84 6.29
CA ILE A 114 12.28 0.85 7.32
C ILE A 114 13.47 -0.05 7.61
N GLN A 115 14.09 -0.58 6.56
CA GLN A 115 15.26 -1.43 6.72
C GLN A 115 16.41 -0.68 7.38
N SER A 116 16.55 0.61 7.05
CA SER A 116 17.63 1.42 7.59
C SER A 116 17.41 1.73 9.07
N ALA A 117 16.14 1.85 9.45
CA ALA A 117 15.77 2.09 10.85
C ALA A 117 16.08 0.85 11.68
N GLY A 118 16.00 -0.32 11.03
CA GLY A 118 16.24 -1.58 11.71
C GLY A 118 14.95 -2.20 12.18
N LEU A 119 14.94 -3.53 12.27
CA LEU A 119 13.74 -4.25 12.67
C LEU A 119 13.86 -4.78 14.10
N GLN A 120 12.88 -4.46 14.92
CA GLN A 120 12.89 -4.84 16.33
C GLN A 120 11.75 -5.83 16.61
N GLU A 121 12.10 -7.05 16.99
CA GLU A 121 11.11 -8.02 17.41
C GLU A 121 10.60 -7.67 18.79
N GLN A 122 9.30 -7.82 19.01
CA GLN A 122 8.68 -7.47 20.29
C GLN A 122 8.10 -8.68 20.99
N GLU A 123 7.96 -8.59 22.30
CA GLU A 123 7.51 -9.73 23.10
C GLU A 123 5.99 -9.90 23.12
N ALA A 124 5.42 -10.14 21.94
CA ALA A 124 4.01 -10.44 21.82
C ALA A 124 3.77 -11.16 20.50
N ALA A 125 2.81 -12.09 20.49
CA ALA A 125 2.51 -12.84 19.29
C ALA A 125 1.95 -11.95 18.21
N LYS A 126 2.47 -12.09 17.00
CA LYS A 126 1.95 -11.40 15.84
C LYS A 126 0.61 -12.02 15.43
N LYS A 127 -0.39 -11.17 15.22
CA LYS A 127 -1.71 -11.64 14.83
C LYS A 127 -1.89 -11.55 13.32
N PHE A 128 -2.54 -12.58 12.76
CA PHE A 128 -2.82 -12.66 11.33
C PHE A 128 -4.31 -12.79 11.12
N ILE A 129 -4.83 -12.18 10.06
CA ILE A 129 -6.22 -12.39 9.68
C ILE A 129 -6.26 -13.44 8.59
N ARG A 130 -6.89 -14.58 8.87
CA ARG A 130 -7.01 -15.64 7.87
C ARG A 130 -8.38 -15.59 7.20
N ILE A 131 -8.38 -15.52 5.86
CA ILE A 131 -9.62 -15.59 5.10
C ILE A 131 -10.19 -17.01 5.14
N LYS A 132 -11.43 -17.14 5.60
CA LYS A 132 -12.10 -18.44 5.71
C LYS A 132 -13.09 -18.69 4.58
N ARG A 133 -13.67 -17.62 4.07
CA ARG A 133 -14.65 -17.71 2.99
C ARG A 133 -14.41 -16.61 1.99
N GLU A 134 -14.62 -16.91 0.72
CA GLU A 134 -14.43 -15.93 -0.35
C GLU A 134 -15.46 -14.81 -0.25
N VAL A 135 -14.95 -13.59 -0.31
CA VAL A 135 -15.76 -12.38 -0.24
C VAL A 135 -15.38 -11.50 -1.43
N SER A 136 -16.36 -10.89 -2.07
CA SER A 136 -16.09 -10.08 -3.25
C SER A 136 -16.94 -8.82 -3.28
N VAL A 137 -16.41 -7.79 -3.93
CA VAL A 137 -17.17 -6.58 -4.20
C VAL A 137 -16.93 -6.21 -5.66
N GLU A 138 -17.88 -5.50 -6.26
CA GLU A 138 -17.67 -5.01 -7.60
C GLU A 138 -18.34 -3.67 -7.86
N GLU A 139 -17.87 -3.00 -8.90
CA GLU A 139 -18.52 -1.80 -9.40
C GLU A 139 -18.31 -1.82 -10.90
N GLY A 140 -19.41 -1.97 -11.64
CA GLY A 140 -19.32 -2.17 -13.07
C GLY A 140 -18.50 -3.41 -13.41
N ASP A 141 -17.47 -3.20 -14.22
CA ASP A 141 -16.62 -4.28 -14.68
C ASP A 141 -15.42 -4.50 -13.75
N LYS A 142 -15.36 -3.73 -12.68
CA LYS A 142 -14.25 -3.82 -11.72
C LYS A 142 -14.62 -4.75 -10.58
N ARG A 143 -13.66 -5.53 -10.09
CA ARG A 143 -13.94 -6.55 -9.10
C ARG A 143 -12.74 -6.74 -8.18
N ALA A 144 -13.00 -6.89 -6.88
CA ALA A 144 -11.95 -7.16 -5.89
C ALA A 144 -12.42 -8.29 -4.99
N VAL A 145 -11.53 -9.25 -4.71
CA VAL A 145 -11.92 -10.48 -4.05
C VAL A 145 -10.88 -10.91 -3.00
N PHE A 146 -11.38 -11.40 -1.86
CA PHE A 146 -10.55 -12.18 -0.93
C PHE A 146 -10.89 -13.66 -1.13
N VAL A 147 -9.87 -14.50 -1.28
CA VAL A 147 -10.05 -15.93 -1.45
C VAL A 147 -9.21 -16.66 -0.41
N PRO A 148 -9.76 -17.71 0.22
CA PRO A 148 -8.93 -18.48 1.15
C PRO A 148 -7.67 -19.00 0.45
N PHE A 149 -6.55 -18.97 1.18
CA PHE A 149 -5.28 -19.44 0.64
C PHE A 149 -4.34 -19.69 1.80
N ASP A 150 -3.71 -20.85 1.80
CA ASP A 150 -2.77 -21.23 2.85
C ASP A 150 -1.42 -20.56 2.61
N GLY A 151 -1.37 -19.27 2.86
CA GLY A 151 -0.20 -18.45 2.60
C GLY A 151 -0.61 -17.02 2.35
N PHE A 152 0.19 -16.29 1.60
CA PHE A 152 -0.18 -14.94 1.18
C PHE A 152 0.11 -14.75 -0.30
N LYS A 153 -0.92 -14.45 -1.05
CA LYS A 153 -0.82 -14.30 -2.50
C LYS A 153 -1.63 -13.10 -2.95
N VAL A 154 -1.09 -12.35 -3.91
CA VAL A 154 -1.84 -11.26 -4.51
C VAL A 154 -1.85 -11.41 -6.02
N SER A 155 -3.05 -11.46 -6.59
CA SER A 155 -3.19 -11.60 -8.03
C SER A 155 -3.89 -10.37 -8.57
N PHE A 156 -3.54 -9.97 -9.78
CA PHE A 156 -4.13 -8.78 -10.36
C PHE A 156 -4.16 -8.85 -11.87
N GLU A 157 -5.24 -8.31 -12.44
CA GLU A 157 -5.32 -8.14 -13.88
C GLU A 157 -5.80 -6.74 -14.19
N ILE A 158 -5.12 -6.07 -15.11
CA ILE A 158 -5.59 -4.81 -15.65
C ILE A 158 -5.97 -5.06 -17.11
N ASP A 159 -6.75 -4.16 -17.69
CA ASP A 159 -7.32 -4.42 -19.03
C ASP A 159 -7.38 -3.16 -19.89
N PHE A 160 -6.26 -2.47 -20.00
CA PHE A 160 -6.19 -1.27 -20.82
C PHE A 160 -6.13 -1.61 -22.30
N ASP A 161 -6.88 -0.85 -23.10
CA ASP A 161 -6.93 -1.09 -24.54
C ASP A 161 -6.07 -0.11 -25.34
N HIS A 162 -5.44 0.83 -24.66
CA HIS A 162 -4.58 1.80 -25.32
C HIS A 162 -3.42 1.09 -25.98
N PRO A 163 -3.00 1.57 -27.16
CA PRO A 163 -1.88 0.98 -27.90
C PRO A 163 -0.63 0.75 -27.06
N VAL A 164 -0.33 1.66 -26.14
CA VAL A 164 0.87 1.54 -25.30
C VAL A 164 0.85 0.26 -24.47
N PHE A 165 -0.34 -0.22 -24.14
CA PHE A 165 -0.48 -1.44 -23.35
C PHE A 165 -0.62 -2.72 -24.17
N ARG A 166 -0.73 -2.59 -25.50
CA ARG A 166 -0.97 -3.77 -26.31
C ARG A 166 0.23 -4.71 -26.28
N GLY A 167 -0.05 -5.99 -26.04
CA GLY A 167 1.01 -6.99 -25.96
C GLY A 167 1.59 -7.14 -24.56
N ARG A 168 1.37 -6.15 -23.70
CA ARG A 168 1.88 -6.23 -22.33
C ARG A 168 1.12 -7.28 -21.54
N THR A 169 1.78 -7.86 -20.55
CA THR A 169 1.21 -8.98 -19.81
C THR A 169 -0.11 -8.60 -19.12
N GLN A 170 -0.12 -7.45 -18.47
CA GLN A 170 -1.29 -6.91 -17.77
C GLN A 170 -1.90 -7.86 -16.74
N GLN A 171 -1.08 -8.79 -16.24
CA GLN A 171 -1.54 -9.74 -15.26
C GLN A 171 -0.35 -10.27 -14.48
N ALA A 172 -0.56 -10.51 -13.19
CA ALA A 172 0.47 -11.15 -12.38
C ALA A 172 -0.18 -11.83 -11.17
N SER A 173 0.38 -12.97 -10.77
CA SER A 173 -0.05 -13.62 -9.55
C SER A 173 1.17 -13.92 -8.70
N VAL A 174 1.29 -13.23 -7.57
CA VAL A 174 2.49 -13.32 -6.75
C VAL A 174 2.25 -14.14 -5.48
N ASP A 175 2.88 -15.30 -5.41
CA ASP A 175 2.86 -16.11 -4.19
C ASP A 175 4.11 -15.76 -3.40
N PHE A 176 3.92 -15.17 -2.23
CA PHE A 176 5.07 -14.68 -1.46
C PHE A 176 5.83 -15.80 -0.74
N SER A 177 5.48 -17.05 -1.03
CA SER A 177 6.29 -18.19 -0.60
C SER A 177 7.64 -18.11 -1.31
N SER A 178 7.61 -17.66 -2.56
CA SER A 178 8.79 -17.70 -3.42
C SER A 178 9.03 -16.41 -4.17
N THR A 179 8.30 -15.36 -3.83
CA THR A 179 8.53 -14.05 -4.42
C THR A 179 8.92 -13.06 -3.34
N SER A 180 9.93 -12.26 -3.61
CA SER A 180 10.38 -11.25 -2.67
C SER A 180 9.61 -9.95 -2.89
N PHE A 181 8.86 -9.52 -1.88
CA PHE A 181 8.19 -8.23 -1.96
C PHE A 181 9.21 -7.14 -2.23
N VAL A 182 10.31 -7.17 -1.51
CA VAL A 182 11.33 -6.14 -1.65
C VAL A 182 11.92 -6.11 -3.05
N LYS A 183 12.38 -7.26 -3.54
CA LYS A 183 13.11 -7.31 -4.79
C LYS A 183 12.22 -7.25 -6.04
N GLU A 184 10.99 -7.73 -5.93
CA GLU A 184 10.16 -7.92 -7.11
C GLU A 184 8.86 -7.13 -7.18
N VAL A 185 8.51 -6.45 -6.09
CA VAL A 185 7.28 -5.66 -6.06
C VAL A 185 7.50 -4.19 -5.66
N SER A 186 8.29 -3.98 -4.61
CA SER A 186 8.34 -2.69 -3.92
C SER A 186 8.76 -1.49 -4.78
N ARG A 187 9.60 -1.74 -5.78
CA ARG A 187 10.13 -0.64 -6.58
C ARG A 187 9.27 -0.28 -7.79
N ALA A 188 8.11 -0.93 -7.92
CA ALA A 188 7.21 -0.60 -9.02
C ALA A 188 6.60 0.79 -8.84
N ARG A 189 6.86 1.68 -9.79
CA ARG A 189 6.41 3.06 -9.70
C ARG A 189 4.94 3.21 -10.06
N THR A 190 4.30 4.21 -9.48
CA THR A 190 2.96 4.58 -9.92
C THR A 190 3.00 5.03 -11.38
N PHE A 191 1.84 5.01 -12.01
CA PHE A 191 1.77 5.40 -13.41
C PHE A 191 0.56 6.27 -13.65
N GLY A 192 0.61 7.04 -14.73
CA GLY A 192 -0.49 7.90 -15.10
C GLY A 192 -0.59 8.06 -16.59
N PHE A 193 -1.82 8.24 -17.07
N PHE A 193 -1.83 8.27 -17.06
CA PHE A 193 -2.05 8.51 -18.48
CA PHE A 193 -2.12 8.50 -18.46
C PHE A 193 -1.94 10.00 -18.71
C PHE A 193 -1.98 9.99 -18.73
N MET A 194 -1.25 10.37 -19.79
CA MET A 194 -0.97 11.77 -20.07
C MET A 194 -2.22 12.66 -20.09
N ARG A 195 -3.27 12.18 -20.75
CA ARG A 195 -4.53 12.91 -20.82
C ARG A 195 -5.10 13.18 -19.44
N ASP A 196 -5.02 12.20 -18.55
CA ASP A 196 -5.55 12.34 -17.20
C ASP A 196 -4.70 13.28 -16.36
N ILE A 197 -3.39 13.20 -16.53
CA ILE A 197 -2.48 14.06 -15.80
C ILE A 197 -2.67 15.51 -16.24
N GLU A 198 -2.86 15.71 -17.54
CA GLU A 198 -3.11 17.05 -18.08
C GLU A 198 -4.38 17.65 -17.46
N TYR A 199 -5.41 16.82 -17.33
CA TYR A 199 -6.66 17.30 -16.74
C TYR A 199 -6.48 17.69 -15.27
N LEU A 200 -5.74 16.89 -14.52
CA LEU A 200 -5.45 17.20 -13.13
C LEU A 200 -4.67 18.51 -13.04
N ARG A 201 -3.58 18.62 -13.80
CA ARG A 201 -2.75 19.81 -13.76
C ARG A 201 -3.52 21.08 -14.14
N SER A 202 -4.50 20.94 -15.04
CA SER A 202 -5.29 22.09 -15.49
C SER A 202 -6.13 22.66 -14.35
N GLN A 203 -6.37 21.84 -13.33
CA GLN A 203 -7.15 22.26 -12.16
C GLN A 203 -6.24 22.60 -10.99
N ASN A 204 -4.95 22.72 -11.27
CA ASN A 204 -3.92 22.93 -10.24
C ASN A 204 -3.78 21.76 -9.27
N LEU A 205 -3.99 20.55 -9.79
CA LEU A 205 -3.82 19.32 -9.02
C LEU A 205 -2.65 18.51 -9.57
N ALA A 206 -2.25 17.45 -8.85
CA ALA A 206 -1.11 16.62 -9.23
C ALA A 206 0.17 17.44 -9.41
N LEU A 207 0.32 18.46 -8.59
CA LEU A 207 1.41 19.42 -8.74
C LEU A 207 2.78 18.84 -8.47
N GLY A 208 2.85 17.78 -7.67
CA GLY A 208 4.13 17.18 -7.33
C GLY A 208 4.57 16.14 -8.34
N GLY A 209 3.71 15.81 -9.30
CA GLY A 209 3.99 14.77 -10.26
C GLY A 209 5.08 15.15 -11.26
N SER A 210 5.89 14.16 -11.62
CA SER A 210 6.94 14.34 -12.62
C SER A 210 7.37 12.97 -13.14
N VAL A 211 8.20 12.95 -14.19
CA VAL A 211 8.69 11.67 -14.69
C VAL A 211 9.70 11.07 -13.72
N GLU A 212 10.13 11.87 -12.74
CA GLU A 212 11.02 11.40 -11.69
C GLU A 212 10.27 10.67 -10.58
N ASN A 213 8.94 10.72 -10.61
CA ASN A 213 8.17 9.99 -9.60
C ASN A 213 6.97 9.23 -10.13
N ALA A 214 6.85 9.15 -11.44
CA ALA A 214 5.74 8.41 -12.04
C ALA A 214 6.10 7.98 -13.44
N ILE A 215 5.56 6.84 -13.85
CA ILE A 215 5.63 6.42 -15.24
C ILE A 215 4.50 7.13 -15.97
N VAL A 216 4.85 7.89 -16.99
CA VAL A 216 3.85 8.61 -17.75
C VAL A 216 3.75 7.98 -19.13
N VAL A 217 2.52 7.64 -19.53
CA VAL A 217 2.28 7.11 -20.87
C VAL A 217 1.24 7.94 -21.59
N ASP A 218 1.43 8.15 -22.90
CA ASP A 218 0.35 8.67 -23.73
C ASP A 218 -0.39 7.48 -24.35
N GLU A 219 -1.16 7.70 -25.40
CA GLU A 219 -1.90 6.59 -25.99
C GLU A 219 -0.97 5.49 -26.49
N ASN A 220 0.26 5.87 -26.85
CA ASN A 220 1.11 5.00 -27.66
C ASN A 220 2.46 4.56 -27.07
N ARG A 221 3.04 5.37 -26.19
CA ARG A 221 4.38 5.05 -25.69
C ARG A 221 4.59 5.46 -24.26
N VAL A 222 5.61 4.86 -23.64
CA VAL A 222 6.07 5.27 -22.32
C VAL A 222 6.98 6.48 -22.49
N LEU A 223 6.66 7.57 -21.80
CA LEU A 223 7.39 8.83 -21.99
C LEU A 223 8.73 8.85 -21.27
N ASN A 224 8.83 8.11 -20.17
CA ASN A 224 10.07 8.04 -19.40
C ASN A 224 11.23 7.55 -20.24
N GLU A 225 12.35 8.24 -20.16
CA GLU A 225 13.50 7.97 -21.02
C GLU A 225 14.09 6.58 -20.80
N ASP A 226 14.11 6.15 -19.53
CA ASP A 226 14.82 4.92 -19.15
C ASP A 226 13.97 3.66 -19.17
N GLY A 227 12.71 3.77 -19.55
CA GLY A 227 11.84 2.61 -19.63
C GLY A 227 11.34 2.14 -18.29
N LEU A 228 11.17 0.82 -18.15
CA LEU A 228 10.58 0.25 -16.94
C LEU A 228 11.60 -0.47 -16.05
N ARG A 229 11.32 -0.49 -14.74
CA ARG A 229 12.16 -1.17 -13.76
C ARG A 229 11.91 -2.66 -13.76
N TYR A 230 10.65 -3.04 -13.97
CA TYR A 230 10.25 -4.43 -14.11
C TYR A 230 9.55 -4.53 -15.46
N GLU A 231 9.66 -5.69 -16.11
CA GLU A 231 8.99 -5.89 -17.39
C GLU A 231 7.47 -5.65 -17.28
N ASP A 232 6.91 -6.03 -16.14
CA ASP A 232 5.46 -5.89 -15.92
C ASP A 232 5.18 -4.85 -14.82
N GLU A 233 5.86 -3.72 -14.89
CA GLU A 233 5.80 -2.74 -13.81
C GLU A 233 4.40 -2.20 -13.51
N PHE A 234 3.56 -2.10 -14.53
CA PHE A 234 2.23 -1.53 -14.32
C PHE A 234 1.37 -2.39 -13.40
N VAL A 235 1.24 -3.67 -13.72
CA VAL A 235 0.43 -4.55 -12.88
C VAL A 235 1.12 -4.76 -11.52
N LYS A 236 2.44 -4.73 -11.50
CA LYS A 236 3.16 -4.85 -10.22
C LYS A 236 2.84 -3.68 -9.32
N HIS A 237 2.63 -2.50 -9.89
CA HIS A 237 2.25 -1.38 -9.05
C HIS A 237 0.84 -1.54 -8.49
N LYS A 238 -0.07 -2.10 -9.30
CA LYS A 238 -1.43 -2.33 -8.82
C LYS A 238 -1.39 -3.30 -7.64
N ILE A 239 -0.51 -4.29 -7.72
CA ILE A 239 -0.31 -5.24 -6.64
C ILE A 239 0.24 -4.54 -5.39
N LEU A 240 1.25 -3.70 -5.58
CA LEU A 240 1.78 -2.86 -4.52
C LEU A 240 0.67 -2.06 -3.83
N ASP A 241 -0.15 -1.40 -4.64
CA ASP A 241 -1.26 -0.59 -4.13
C ASP A 241 -2.22 -1.44 -3.30
N ALA A 242 -2.52 -2.64 -3.79
CA ALA A 242 -3.46 -3.50 -3.07
C ALA A 242 -2.90 -3.93 -1.71
N ILE A 243 -1.61 -4.29 -1.69
CA ILE A 243 -0.96 -4.69 -0.46
C ILE A 243 -0.99 -3.56 0.58
N GLY A 244 -0.76 -2.33 0.14
CA GLY A 244 -0.87 -1.18 1.02
C GLY A 244 -2.28 -0.95 1.55
N ASP A 245 -3.26 -1.04 0.67
CA ASP A 245 -4.64 -0.84 1.07
C ASP A 245 -5.09 -1.94 2.02
N LEU A 246 -4.66 -3.16 1.72
CA LEU A 246 -5.04 -4.31 2.53
C LEU A 246 -4.50 -4.21 3.96
N TYR A 247 -3.38 -3.50 4.14
CA TYR A 247 -2.78 -3.41 5.46
C TYR A 247 -3.63 -2.58 6.43
N LEU A 248 -4.61 -1.85 5.89
CA LEU A 248 -5.57 -1.14 6.72
C LEU A 248 -6.48 -2.09 7.53
N LEU A 249 -6.43 -3.39 7.21
CA LEU A 249 -7.07 -4.39 8.06
C LEU A 249 -6.46 -4.39 9.45
N GLY A 250 -5.22 -3.94 9.55
CA GLY A 250 -4.53 -3.80 10.82
C GLY A 250 -3.63 -4.99 11.15
N ASN A 251 -3.71 -6.03 10.32
CA ASN A 251 -2.90 -7.23 10.52
C ASN A 251 -2.54 -7.86 9.17
N SER A 252 -1.43 -8.61 9.17
CA SER A 252 -1.02 -9.37 7.99
C SER A 252 -2.08 -10.41 7.63
N LEU A 253 -2.17 -10.72 6.34
CA LEU A 253 -3.23 -11.58 5.83
C LEU A 253 -2.72 -12.99 5.53
N ILE A 254 -3.54 -13.98 5.87
CA ILE A 254 -3.35 -15.33 5.36
C ILE A 254 -4.49 -15.60 4.40
N GLY A 255 -4.21 -15.47 3.11
CA GLY A 255 -5.24 -15.59 2.11
C GLY A 255 -4.75 -15.00 0.81
N GLU A 256 -5.63 -14.89 -0.18
CA GLU A 256 -5.28 -14.33 -1.47
C GLU A 256 -6.20 -13.16 -1.77
N PHE A 257 -5.63 -12.10 -2.36
CA PHE A 257 -6.41 -11.03 -2.92
C PHE A 257 -6.37 -11.18 -4.43
N ARG A 258 -7.51 -11.00 -5.07
CA ARG A 258 -7.60 -10.99 -6.52
C ARG A 258 -8.25 -9.69 -6.96
N GLY A 259 -7.52 -8.93 -7.78
CA GLY A 259 -8.02 -7.67 -8.30
C GLY A 259 -8.21 -7.71 -9.80
N PHE A 260 -9.31 -7.12 -10.26
CA PHE A 260 -9.61 -7.03 -11.67
C PHE A 260 -10.00 -5.60 -11.99
N LYS A 261 -9.05 -4.84 -12.55
CA LYS A 261 -9.25 -3.41 -12.86
C LYS A 261 -9.66 -2.59 -11.64
N SER A 262 -9.36 -3.11 -10.45
CA SER A 262 -9.81 -2.48 -9.21
C SER A 262 -8.86 -1.38 -8.73
N GLY A 263 -9.38 -0.53 -7.85
CA GLY A 263 -8.61 0.58 -7.31
C GLY A 263 -8.84 0.73 -5.82
N HIS A 264 -8.39 1.87 -5.28
CA HIS A 264 -8.47 2.09 -3.83
C HIS A 264 -9.89 2.06 -3.27
N ALA A 265 -10.85 2.56 -4.04
CA ALA A 265 -12.24 2.58 -3.62
C ALA A 265 -12.77 1.16 -3.40
N LEU A 266 -12.59 0.30 -4.40
CA LEU A 266 -13.03 -1.09 -4.29
C LEU A 266 -12.24 -1.83 -3.22
N ASN A 267 -10.94 -1.54 -3.14
CA ASN A 267 -10.10 -2.17 -2.11
C ASN A 267 -10.66 -1.91 -0.72
N ASN A 268 -11.01 -0.66 -0.45
CA ASN A 268 -11.52 -0.29 0.88
C ASN A 268 -12.92 -0.85 1.11
N GLN A 269 -13.74 -0.87 0.05
CA GLN A 269 -15.06 -1.46 0.17
C GLN A 269 -14.92 -2.94 0.54
N LEU A 270 -13.97 -3.62 -0.10
CA LEU A 270 -13.71 -5.03 0.19
C LEU A 270 -13.32 -5.23 1.65
N LEU A 271 -12.44 -4.38 2.17
CA LEU A 271 -12.04 -4.46 3.56
C LEU A 271 -13.23 -4.34 4.51
N ARG A 272 -14.02 -3.29 4.33
CA ARG A 272 -15.13 -3.03 5.23
C ARG A 272 -16.15 -4.16 5.14
N THR A 273 -16.33 -4.69 3.94
CA THR A 273 -17.26 -5.78 3.69
C THR A 273 -16.80 -7.08 4.37
N LEU A 274 -15.51 -7.36 4.28
CA LEU A 274 -14.93 -8.52 4.97
C LEU A 274 -15.06 -8.39 6.48
N ILE A 275 -14.61 -7.26 7.01
CA ILE A 275 -14.60 -7.02 8.46
C ILE A 275 -15.98 -7.23 9.08
N ALA A 276 -17.01 -6.77 8.36
CA ALA A 276 -18.38 -6.86 8.85
C ALA A 276 -18.92 -8.28 8.97
N ASP A 277 -18.40 -9.21 8.17
CA ASP A 277 -18.88 -10.59 8.22
C ASP A 277 -17.92 -11.49 8.99
N LYS A 278 -18.26 -11.78 10.25
CA LYS A 278 -17.39 -12.55 11.13
C LYS A 278 -17.22 -14.02 10.71
N ASP A 279 -18.09 -14.52 9.82
CA ASP A 279 -17.96 -15.91 9.39
C ASP A 279 -16.89 -16.11 8.32
N ALA A 280 -16.37 -15.00 7.78
CA ALA A 280 -15.50 -15.06 6.62
C ALA A 280 -14.02 -14.94 6.97
N TRP A 281 -13.72 -14.71 8.25
CA TRP A 281 -12.33 -14.55 8.68
C TRP A 281 -12.14 -14.89 10.16
N GLU A 282 -10.90 -15.08 10.55
CA GLU A 282 -10.54 -15.31 11.95
C GLU A 282 -9.15 -14.76 12.21
N VAL A 283 -8.85 -14.51 13.48
CA VAL A 283 -7.53 -14.06 13.88
C VAL A 283 -6.74 -15.26 14.39
N VAL A 284 -5.53 -15.43 13.87
CA VAL A 284 -4.69 -16.54 14.30
C VAL A 284 -3.30 -16.06 14.69
N THR A 285 -2.63 -16.85 15.53
CA THR A 285 -1.24 -16.62 15.89
C THR A 285 -0.47 -17.92 15.68
N PHE A 286 0.85 -17.84 15.70
CA PHE A 286 1.67 -19.03 15.50
C PHE A 286 2.72 -19.18 16.59
N GLU A 287 2.50 -20.14 17.49
CA GLU A 287 3.45 -20.40 18.57
C GLU A 287 4.70 -21.11 18.03
N ASP A 288 4.54 -21.77 16.89
CA ASP A 288 5.66 -22.40 16.21
C ASP A 288 5.77 -21.85 14.80
N ALA A 289 6.82 -21.06 14.55
CA ALA A 289 6.97 -20.34 13.29
C ALA A 289 7.07 -21.24 12.06
N ARG A 290 7.58 -22.45 12.23
CA ARG A 290 7.74 -23.36 11.09
C ARG A 290 6.44 -24.08 10.73
N THR A 291 5.40 -23.86 11.52
CA THR A 291 4.07 -24.39 11.21
C THR A 291 3.28 -23.37 10.38
N ALA A 292 3.82 -22.16 10.27
CA ALA A 292 3.15 -21.08 9.57
C ALA A 292 3.32 -21.19 8.06
N PRO A 293 2.26 -20.84 7.30
CA PRO A 293 2.30 -20.80 5.84
C PRO A 293 2.95 -19.52 5.35
N ILE A 294 3.28 -18.64 6.29
CA ILE A 294 3.87 -17.35 5.97
C ILE A 294 5.15 -17.18 6.79
N SER A 295 6.07 -16.35 6.29
CA SER A 295 7.32 -16.09 7.00
C SER A 295 7.80 -14.68 6.75
N TYR A 296 8.11 -14.00 7.83
CA TYR A 296 8.64 -12.65 7.70
C TYR A 296 10.08 -12.63 8.13
N MET A 297 10.77 -13.70 7.76
CA MET A 297 12.19 -13.85 7.96
C MET A 297 12.87 -12.78 7.19
N ARG A 298 14.00 -12.32 7.73
CA ARG A 298 14.58 -11.06 7.34
C ARG A 298 16.06 -11.11 7.06
ZN ZN B . -6.82 4.83 -25.79
ZN ZN C . -18.43 -0.54 2.47
O01 1WL D . -0.66 4.68 -7.81
C02 1WL D . -1.79 5.15 -7.73
N03 1WL D . -2.43 5.24 -6.46
O04 1WL D . -1.82 4.71 -5.43
C05 1WL D . -2.45 5.57 -8.97
N06 1WL D . -1.83 6.67 -9.57
C07 1WL D . -2.34 7.99 -9.52
O08 1WL D . -3.55 8.16 -9.46
C09 1WL D . -1.48 9.04 -10.13
C10 1WL D . -1.88 10.39 -10.18
C11 1WL D . -1.04 11.32 -10.83
C12 1WL D . 0.17 10.90 -11.38
C13 1WL D . 1.09 11.80 -12.11
C14 1WL D . 1.83 12.51 -12.72
C15 1WL D . 2.73 13.37 -13.54
C16 1WL D . 3.45 14.05 -14.22
C17 1WL D . 4.32 14.87 -15.09
C18 1WL D . 4.77 14.26 -16.27
C19 1WL D . 5.58 14.95 -17.17
C20 1WL D . 5.93 16.27 -16.88
N21 1WL D . 6.75 16.98 -17.80
C22 1WL D . 5.47 16.89 -15.71
C23 1WL D . 4.65 16.19 -14.81
C24 1WL D . 0.55 9.56 -11.33
C25 1WL D . -0.27 8.63 -10.69
C26 1WL D . -2.73 4.44 -9.84
C27 1WL D . -3.42 4.80 -11.12
N28 1WL D . -2.83 4.99 -12.30
C29 1WL D . -3.79 5.27 -13.23
N30 1WL D . -5.00 5.22 -12.60
C31 1WL D . -4.77 4.93 -11.31
N NO3 E . 2.04 -4.86 -17.15
O1 NO3 E . 2.24 -5.78 -18.16
O2 NO3 E . 3.06 -3.97 -16.83
O3 NO3 E . 0.82 -4.80 -16.47
N NO3 F . -12.79 -14.85 -8.34
O1 NO3 F . -12.57 -13.74 -9.15
O2 NO3 F . -13.90 -14.87 -7.49
O3 NO3 F . -11.93 -15.95 -8.38
N NO3 G . -8.08 -1.17 -16.24
O1 NO3 G . -8.26 -1.53 -17.58
O2 NO3 G . -8.74 -0.06 -15.72
O3 NO3 G . -7.25 -1.93 -15.43
N NO3 H . 13.67 4.88 -13.02
O1 NO3 H . 13.52 3.50 -12.98
O2 NO3 H . 13.90 5.53 -14.22
O3 NO3 H . 13.60 5.61 -11.84
N NO3 I . -12.30 1.26 -8.06
O1 NO3 I . -11.74 0.68 -9.21
O2 NO3 I . -13.45 2.04 -8.15
O3 NO3 I . -11.69 1.06 -6.82
N NO3 J . -6.67 3.36 -8.01
O1 NO3 J . -6.05 3.34 -9.25
O2 NO3 J . -6.19 2.54 -7.00
O3 NO3 J . -7.78 4.19 -7.79
N NO3 K . 9.11 -0.44 21.33
O1 NO3 K . 10.29 0.15 20.88
O2 NO3 K . 8.00 0.35 21.67
O3 NO3 K . 9.02 -1.85 21.44
ZN ZN L . -0.03 3.53 -6.18
N NO3 M . 14.87 15.86 8.23
O1 NO3 M . 14.14 15.09 7.32
O2 NO3 M . 14.24 16.35 9.39
O3 NO3 M . 16.21 16.16 7.98
N NO3 N . -6.76 -22.85 2.15
O1 NO3 N . -7.22 -21.54 2.04
O2 NO3 N . -6.88 -23.71 1.07
O3 NO3 N . -6.20 -23.30 3.35
N NO3 O . 7.93 -8.79 -13.97
O1 NO3 O . 8.14 -9.81 -13.03
O2 NO3 O . 8.21 -9.04 -15.32
O3 NO3 O . 7.46 -7.54 -13.57
N NO3 P . 4.92 -16.28 2.56
O1 NO3 P . 5.78 -15.60 3.43
O2 NO3 P . 5.03 -17.66 2.40
O3 NO3 P . 3.95 -15.57 1.84
#